data_3P86
#
_entry.id   3P86
#
_cell.length_a   122.334
_cell.length_b   122.334
_cell.length_c   95.011
_cell.angle_alpha   90.00
_cell.angle_beta   90.00
_cell.angle_gamma   90.00
#
_symmetry.space_group_name_H-M   'P 42 21 2'
#
loop_
_entity.id
_entity.type
_entity.pdbx_description
1 polymer 'Serine/threonine-protein kinase CTR1'
2 non-polymer STAUROSPORINE
3 water water
#
_entity_poly.entity_id   1
_entity_poly.type   'polypeptide(L)'
_entity_poly.pdbx_seq_one_letter_code
;MKHHHHHHPMSDYDIPTTENLYFQGAMDGDDMDIPWCDLNIKEKIGAGSFGTVHRAEWHGSDVAVKILMEQDFHAERVNE
FLREVAIMKRLRHPNIVLFMGAVTQPPNLSIVTEYLSRGSLYRLLHKSGAREQLDERRRLSMAYDVAKGMNYLHNRNPPI
VHRNLKSPNLLVDKKYTVKVCDFGLSRLKASTFLSSKSAAGTPEWMAPEVLRDEPSNEKSDVYSFGVILWELATLQQPWG
NLNPAQVVAAVGFKCKRLEIPRNLNPQVAAIIEGCWTNEPWKRPSFATIMDLLRPLIKSAVPPPNRSDL
;
_entity_poly.pdbx_strand_id   A,B
#
loop_
_chem_comp.id
_chem_comp.type
_chem_comp.name
_chem_comp.formula
STU non-polymer STAUROSPORINE 'C28 H26 N4 O3'
#
# COMPACT_ATOMS: atom_id res chain seq x y z
N MET A 32 5.05 15.39 3.66
CA MET A 32 6.33 16.08 3.77
C MET A 32 6.58 16.95 2.54
N ASP A 33 7.20 18.09 2.74
CA ASP A 33 7.50 19.02 1.67
C ASP A 33 8.59 18.46 0.75
N ILE A 34 8.43 18.67 -0.55
CA ILE A 34 9.40 18.19 -1.51
C ILE A 34 9.84 19.23 -2.52
N PRO A 35 11.14 19.46 -2.61
CA PRO A 35 11.68 20.44 -3.55
C PRO A 35 11.59 19.90 -4.98
N TRP A 36 11.11 20.72 -5.90
CA TRP A 36 10.95 20.31 -7.29
C TRP A 36 12.21 19.65 -7.85
N CYS A 37 13.37 20.17 -7.48
CA CYS A 37 14.64 19.66 -8.02
C CYS A 37 14.91 18.21 -7.62
N ASP A 38 14.32 17.76 -6.52
CA ASP A 38 14.53 16.40 -6.04
C ASP A 38 13.76 15.36 -6.84
N LEU A 39 12.93 15.82 -7.77
CA LEU A 39 12.14 14.92 -8.61
C LEU A 39 12.74 14.76 -10.01
N ASN A 40 12.94 13.51 -10.42
CA ASN A 40 13.37 13.21 -11.78
C ASN A 40 12.18 12.74 -12.61
N ILE A 41 11.58 13.67 -13.34
CA ILE A 41 10.38 13.36 -14.10
C ILE A 41 10.63 12.33 -15.20
N LYS A 42 9.67 11.44 -15.36
CA LYS A 42 9.73 10.36 -16.34
C LYS A 42 8.60 10.50 -17.34
N GLU A 43 8.29 9.41 -18.03
CA GLU A 43 7.24 9.43 -19.04
C GLU A 43 5.87 9.77 -18.47
N LYS A 44 5.12 10.54 -19.24
CA LYS A 44 3.76 10.91 -18.92
C LYS A 44 2.91 9.66 -18.84
N ILE A 45 2.05 9.58 -17.84
CA ILE A 45 1.20 8.41 -17.65
C ILE A 45 -0.28 8.79 -17.59
N GLY A 46 -0.57 10.08 -17.63
CA GLY A 46 -1.94 10.55 -17.61
C GLY A 46 -2.06 12.05 -17.67
N ALA A 47 -3.29 12.55 -17.67
CA ALA A 47 -3.54 13.99 -17.71
C ALA A 47 -5.02 14.30 -17.51
N GLY A 48 -5.32 15.56 -17.22
CA GLY A 48 -6.69 16.01 -17.02
C GLY A 48 -6.81 17.52 -17.10
N SER A 49 -7.74 18.08 -16.32
CA SER A 49 -7.93 19.52 -16.29
C SER A 49 -6.81 20.20 -15.50
N PHE A 50 -6.49 19.62 -14.35
CA PHE A 50 -5.42 20.10 -13.48
C PHE A 50 -4.09 20.23 -14.24
N GLY A 51 -3.81 19.24 -15.07
CA GLY A 51 -2.56 19.19 -15.81
C GLY A 51 -2.24 17.77 -16.24
N THR A 52 -1.06 17.28 -15.85
CA THR A 52 -0.63 15.95 -16.25
C THR A 52 -0.10 15.11 -15.08
N VAL A 53 0.10 13.83 -15.36
CA VAL A 53 0.68 12.90 -14.40
C VAL A 53 1.87 12.19 -15.03
N HIS A 54 2.98 12.15 -14.33
CA HIS A 54 4.17 11.50 -14.84
C HIS A 54 4.89 10.58 -13.87
N ARG A 55 5.30 9.40 -14.31
CA ARG A 55 6.09 8.56 -13.42
C ARG A 55 7.33 9.37 -13.10
N ALA A 56 7.99 9.05 -12.00
CA ALA A 56 9.18 9.80 -11.62
C ALA A 56 10.04 9.02 -10.64
N GLU A 57 11.33 9.35 -10.63
CA GLU A 57 12.25 8.77 -9.68
C GLU A 57 12.52 9.81 -8.60
N TRP A 58 12.33 9.41 -7.35
CA TRP A 58 12.51 10.31 -6.22
C TRP A 58 13.42 9.66 -5.18
N HIS A 59 14.67 10.08 -5.16
CA HIS A 59 15.68 9.46 -4.30
C HIS A 59 15.65 7.95 -4.42
N GLY A 60 15.55 7.46 -5.66
CA GLY A 60 15.56 6.03 -5.92
C GLY A 60 14.16 5.42 -5.85
N SER A 61 13.26 6.07 -5.12
CA SER A 61 11.89 5.57 -5.01
C SER A 61 11.13 5.86 -6.30
N ASP A 62 10.23 4.94 -6.65
CA ASP A 62 9.46 5.06 -7.88
C ASP A 62 8.07 5.63 -7.57
N VAL A 63 7.84 6.88 -7.99
CA VAL A 63 6.62 7.59 -7.62
C VAL A 63 5.84 8.10 -8.83
N ALA A 64 4.64 8.60 -8.56
CA ALA A 64 3.84 9.27 -9.57
C ALA A 64 3.64 10.74 -9.17
N VAL A 65 3.84 11.63 -10.11
CA VAL A 65 3.72 13.06 -9.87
C VAL A 65 2.62 13.76 -10.64
N LYS A 66 1.67 14.32 -9.91
CA LYS A 66 0.60 15.08 -10.46
C LYS A 66 1.03 16.52 -10.52
N ILE A 67 1.29 16.98 -11.73
CA ILE A 67 1.79 18.29 -11.98
C ILE A 67 0.68 19.22 -12.39
N LEU A 68 0.35 20.13 -11.50
CA LEU A 68 -0.67 21.14 -11.77
C LEU A 68 -0.07 22.21 -12.69
N MET A 69 -0.72 22.43 -13.83
CA MET A 69 -0.17 23.30 -14.85
C MET A 69 -0.65 24.75 -14.75
N GLU A 70 -1.72 24.96 -13.97
CA GLU A 70 -2.29 26.29 -13.84
C GLU A 70 -1.24 27.30 -13.38
N GLN A 71 -1.25 28.47 -13.99
CA GLN A 71 -0.24 29.49 -13.71
C GLN A 71 -0.79 30.69 -12.94
N ASP A 72 -1.66 30.41 -11.98
CA ASP A 72 -2.14 31.42 -11.05
C ASP A 72 -1.61 31.12 -9.65
N PHE A 73 -0.56 31.81 -9.25
CA PHE A 73 0.11 31.52 -7.99
C PHE A 73 -0.18 32.48 -6.88
N HIS A 74 -1.38 33.04 -6.91
CA HIS A 74 -1.79 33.94 -5.89
C HIS A 74 -2.25 33.17 -4.67
N ALA A 75 -2.28 33.84 -3.53
CA ALA A 75 -2.54 33.17 -2.26
C ALA A 75 -3.77 32.26 -2.29
N GLU A 76 -4.91 32.82 -2.67
CA GLU A 76 -6.18 32.08 -2.65
C GLU A 76 -6.05 30.68 -3.24
N ARG A 77 -5.28 30.55 -4.31
CA ARG A 77 -5.13 29.27 -4.98
C ARG A 77 -4.09 28.40 -4.29
N VAL A 78 -2.93 28.98 -4.01
CA VAL A 78 -1.89 28.27 -3.30
C VAL A 78 -2.44 27.76 -1.98
N ASN A 79 -3.23 28.58 -1.32
CA ASN A 79 -3.86 28.22 -0.05
C ASN A 79 -4.84 27.07 -0.19
N GLU A 80 -5.67 27.12 -1.23
CA GLU A 80 -6.58 26.02 -1.49
C GLU A 80 -5.77 24.75 -1.70
N PHE A 81 -4.71 24.84 -2.49
CA PHE A 81 -3.83 23.72 -2.72
C PHE A 81 -3.26 23.18 -1.40
N LEU A 82 -2.70 24.05 -0.58
CA LEU A 82 -2.18 23.66 0.71
C LEU A 82 -3.25 22.98 1.54
N ARG A 83 -4.46 23.51 1.48
CA ARG A 83 -5.58 22.98 2.24
C ARG A 83 -5.93 21.57 1.78
N GLU A 84 -5.90 21.36 0.47
CA GLU A 84 -6.13 20.04 -0.10
C GLU A 84 -5.05 19.07 0.33
N VAL A 85 -3.80 19.52 0.30
CA VAL A 85 -2.66 18.71 0.69
C VAL A 85 -2.75 18.26 2.14
N ALA A 86 -3.27 19.14 3.00
CA ALA A 86 -3.42 18.81 4.41
C ALA A 86 -4.45 17.71 4.61
N ILE A 87 -5.50 17.71 3.78
CA ILE A 87 -6.48 16.64 3.79
C ILE A 87 -5.82 15.29 3.45
N MET A 88 -5.19 15.24 2.28
CA MET A 88 -4.54 14.01 1.82
C MET A 88 -3.61 13.43 2.87
N LYS A 89 -2.89 14.30 3.58
CA LYS A 89 -1.99 13.89 4.65
C LYS A 89 -2.70 13.05 5.71
N ARG A 90 -4.00 13.28 5.89
CA ARG A 90 -4.73 12.61 6.96
C ARG A 90 -5.39 11.32 6.50
N LEU A 91 -5.44 11.11 5.19
CA LEU A 91 -6.05 9.90 4.65
C LEU A 91 -5.02 8.78 4.56
N ARG A 92 -5.18 7.78 5.41
CA ARG A 92 -4.21 6.69 5.50
C ARG A 92 -4.91 5.34 5.52
N HIS A 93 -4.94 4.69 4.36
CA HIS A 93 -5.57 3.38 4.23
C HIS A 93 -4.98 2.61 3.04
N PRO A 94 -4.84 1.29 3.19
CA PRO A 94 -4.24 0.43 2.16
C PRO A 94 -4.89 0.57 0.79
N ASN A 95 -6.20 0.81 0.74
CA ASN A 95 -6.92 0.88 -0.53
C ASN A 95 -7.18 2.31 -0.98
N ILE A 96 -6.35 3.22 -0.49
CA ILE A 96 -6.36 4.60 -0.94
C ILE A 96 -4.97 4.89 -1.50
N VAL A 97 -4.91 5.51 -2.68
CA VAL A 97 -3.63 5.84 -3.29
C VAL A 97 -2.71 6.51 -2.26
N LEU A 98 -1.52 5.95 -2.08
CA LEU A 98 -0.60 6.42 -1.05
C LEU A 98 0.02 7.77 -1.36
N PHE A 99 -0.38 8.78 -0.60
CA PHE A 99 0.26 10.09 -0.67
C PHE A 99 1.68 9.97 -0.15
N MET A 100 2.64 10.56 -0.85
CA MET A 100 4.05 10.46 -0.45
C MET A 100 4.71 11.82 -0.27
N GLY A 101 4.05 12.88 -0.71
CA GLY A 101 4.60 14.22 -0.55
C GLY A 101 4.00 15.25 -1.49
N ALA A 102 4.44 16.49 -1.36
CA ALA A 102 3.94 17.56 -2.21
C ALA A 102 5.00 18.62 -2.47
N VAL A 103 5.07 19.07 -3.72
CA VAL A 103 5.84 20.26 -4.07
C VAL A 103 4.93 21.45 -3.83
N THR A 104 5.26 22.26 -2.81
CA THR A 104 4.36 23.31 -2.38
C THR A 104 4.84 24.70 -2.77
N GLN A 105 5.89 24.76 -3.58
CA GLN A 105 6.46 26.04 -3.98
C GLN A 105 6.23 26.32 -5.46
N PRO A 106 5.57 27.46 -5.76
CA PRO A 106 5.44 27.92 -7.14
C PRO A 106 6.80 27.99 -7.80
N PRO A 107 6.86 27.73 -9.09
CA PRO A 107 5.68 27.55 -9.93
C PRO A 107 5.40 26.10 -10.22
N ASN A 108 5.76 25.22 -9.29
CA ASN A 108 5.70 23.77 -9.54
C ASN A 108 4.81 22.99 -8.59
N LEU A 109 3.68 23.56 -8.20
CA LEU A 109 2.76 22.87 -7.31
C LEU A 109 2.48 21.46 -7.83
N SER A 110 2.73 20.46 -6.99
CA SER A 110 2.54 19.07 -7.37
C SER A 110 2.20 18.16 -6.23
N ILE A 111 1.52 17.08 -6.54
CA ILE A 111 1.22 16.03 -5.60
C ILE A 111 2.00 14.79 -5.93
N VAL A 112 2.74 14.26 -4.98
CA VAL A 112 3.51 13.04 -5.20
C VAL A 112 2.91 11.84 -4.48
N THR A 113 2.65 10.77 -5.24
CA THR A 113 2.06 9.57 -4.67
C THR A 113 2.83 8.34 -5.13
N GLU A 114 2.44 7.18 -4.60
CA GLU A 114 2.98 5.92 -5.09
C GLU A 114 2.59 5.75 -6.55
N TYR A 115 3.26 4.83 -7.23
CA TYR A 115 3.00 4.55 -8.63
C TYR A 115 2.29 3.20 -8.77
N LEU A 116 1.12 3.21 -9.40
CA LEU A 116 0.40 1.99 -9.68
C LEU A 116 0.72 1.74 -11.14
N SER A 117 1.28 0.59 -11.44
CA SER A 117 1.76 0.36 -12.80
C SER A 117 0.72 -0.17 -13.81
N ARG A 118 -0.38 -0.72 -13.33
CA ARG A 118 -1.42 -1.22 -14.23
C ARG A 118 -2.48 -0.15 -14.57
N GLY A 119 -2.31 1.05 -14.03
CA GLY A 119 -3.16 2.17 -14.36
C GLY A 119 -4.61 2.06 -13.94
N SER A 120 -5.49 2.67 -14.71
CA SER A 120 -6.91 2.76 -14.37
C SER A 120 -7.60 1.39 -14.47
N LEU A 121 -8.62 1.19 -13.63
CA LEU A 121 -9.39 -0.04 -13.65
C LEU A 121 -10.16 -0.14 -14.95
N TYR A 122 -10.60 1.00 -15.47
CA TYR A 122 -11.40 1.00 -16.69
C TYR A 122 -10.66 0.38 -17.86
N ARG A 123 -9.46 0.87 -18.13
CA ARG A 123 -8.67 0.36 -19.25
C ARG A 123 -8.31 -1.12 -19.05
N LEU A 124 -8.05 -1.50 -17.81
CA LEU A 124 -7.66 -2.88 -17.50
C LEU A 124 -8.78 -3.87 -17.84
N LEU A 125 -10.02 -3.48 -17.54
CA LEU A 125 -11.16 -4.33 -17.81
C LEU A 125 -11.50 -4.40 -19.31
N HIS A 126 -11.40 -3.28 -19.99
CA HIS A 126 -11.72 -3.25 -21.40
C HIS A 126 -10.59 -3.56 -22.38
N LYS A 127 -9.39 -3.81 -21.88
CA LYS A 127 -8.28 -4.15 -22.74
C LYS A 127 -8.58 -5.54 -23.22
N SER A 128 -7.98 -5.95 -24.33
CA SER A 128 -8.23 -7.29 -24.87
C SER A 128 -7.56 -8.42 -24.09
N GLY A 129 -8.32 -9.46 -23.83
CA GLY A 129 -7.87 -10.63 -23.09
C GLY A 129 -8.20 -10.54 -21.62
N ALA A 130 -8.76 -9.40 -21.22
CA ALA A 130 -9.11 -9.17 -19.82
C ALA A 130 -9.78 -10.39 -19.19
N ARG A 131 -10.73 -10.99 -19.88
CA ARG A 131 -11.49 -12.09 -19.30
C ARG A 131 -10.58 -13.25 -18.92
N GLU A 132 -9.58 -13.52 -19.74
CA GLU A 132 -8.65 -14.60 -19.45
C GLU A 132 -7.60 -14.18 -18.43
N GLN A 133 -7.26 -12.90 -18.44
CA GLN A 133 -6.27 -12.33 -17.52
C GLN A 133 -6.81 -12.25 -16.09
N LEU A 134 -8.13 -12.08 -15.97
CA LEU A 134 -8.75 -11.85 -14.68
C LEU A 134 -9.91 -12.80 -14.47
N ASP A 135 -9.78 -13.69 -13.49
CA ASP A 135 -10.85 -14.64 -13.20
C ASP A 135 -11.87 -14.05 -12.23
N GLU A 136 -12.99 -14.73 -12.06
CA GLU A 136 -14.08 -14.26 -11.21
C GLU A 136 -13.56 -13.87 -9.83
N ARG A 137 -12.73 -14.72 -9.25
CA ARG A 137 -12.22 -14.50 -7.91
C ARG A 137 -11.41 -13.20 -7.81
N ARG A 138 -10.59 -12.94 -8.82
CA ARG A 138 -9.76 -11.74 -8.84
C ARG A 138 -10.61 -10.48 -8.96
N ARG A 139 -11.57 -10.50 -9.87
CA ARG A 139 -12.41 -9.33 -10.11
C ARG A 139 -13.30 -9.03 -8.90
N LEU A 140 -13.70 -10.07 -8.18
CA LEU A 140 -14.45 -9.89 -6.95
C LEU A 140 -13.57 -9.33 -5.83
N SER A 141 -12.28 -9.66 -5.87
CA SER A 141 -11.34 -9.10 -4.91
C SER A 141 -11.13 -7.63 -5.20
N MET A 142 -11.06 -7.29 -6.48
CA MET A 142 -10.91 -5.90 -6.88
C MET A 142 -12.07 -5.06 -6.37
N ALA A 143 -13.28 -5.61 -6.46
CA ALA A 143 -14.47 -4.95 -5.92
C ALA A 143 -14.35 -4.75 -4.41
N TYR A 144 -13.91 -5.80 -3.71
CA TYR A 144 -13.73 -5.76 -2.27
C TYR A 144 -12.77 -4.65 -1.87
N ASP A 145 -11.67 -4.53 -2.62
CA ASP A 145 -10.69 -3.49 -2.40
C ASP A 145 -11.31 -2.10 -2.42
N VAL A 146 -12.16 -1.86 -3.40
CA VAL A 146 -12.81 -0.57 -3.53
C VAL A 146 -13.75 -0.33 -2.35
N ALA A 147 -14.53 -1.35 -2.01
CA ALA A 147 -15.46 -1.24 -0.88
C ALA A 147 -14.72 -0.88 0.41
N LYS A 148 -13.54 -1.47 0.61
CA LYS A 148 -12.73 -1.16 1.79
C LYS A 148 -12.29 0.29 1.80
N GLY A 149 -11.79 0.77 0.65
CA GLY A 149 -11.37 2.16 0.53
C GLY A 149 -12.51 3.11 0.81
N MET A 150 -13.66 2.86 0.19
CA MET A 150 -14.82 3.73 0.35
C MET A 150 -15.40 3.67 1.75
N ASN A 151 -15.44 2.48 2.35
CA ASN A 151 -15.83 2.36 3.73
C ASN A 151 -14.95 3.24 4.61
N TYR A 152 -13.64 3.20 4.35
CA TYR A 152 -12.71 4.01 5.12
C TYR A 152 -13.01 5.49 4.96
N LEU A 153 -13.21 5.93 3.72
CA LEU A 153 -13.49 7.33 3.42
C LEU A 153 -14.80 7.77 4.05
N HIS A 154 -15.79 6.89 4.04
CA HIS A 154 -17.10 7.23 4.59
C HIS A 154 -17.08 7.33 6.12
N ASN A 155 -16.02 6.86 6.74
CA ASN A 155 -15.92 6.90 8.20
C ASN A 155 -15.04 8.02 8.74
N ARG A 156 -14.65 8.94 7.89
CA ARG A 156 -13.84 10.07 8.34
C ARG A 156 -14.83 11.02 9.01
N ASN A 157 -14.32 11.93 9.83
CA ASN A 157 -15.15 12.92 10.51
C ASN A 157 -14.71 14.31 10.06
N PRO A 158 -15.44 14.91 9.12
CA PRO A 158 -16.70 14.40 8.56
C PRO A 158 -16.46 13.36 7.48
N PRO A 159 -17.48 12.55 7.17
CA PRO A 159 -17.37 11.53 6.12
C PRO A 159 -16.91 12.15 4.80
N ILE A 160 -16.22 11.36 3.99
CA ILE A 160 -15.79 11.80 2.67
C ILE A 160 -16.53 11.03 1.60
N VAL A 161 -17.41 11.72 0.88
CA VAL A 161 -18.19 11.10 -0.17
C VAL A 161 -17.57 11.37 -1.54
N HIS A 162 -17.45 10.34 -2.35
CA HIS A 162 -16.89 10.44 -3.67
C HIS A 162 -18.02 10.31 -4.66
N ARG A 163 -18.61 11.40 -5.10
CA ARG A 163 -19.71 11.31 -6.03
C ARG A 163 -19.24 11.03 -7.45
N ASN A 164 -17.97 11.27 -7.67
CA ASN A 164 -17.40 11.07 -8.96
C ASN A 164 -16.72 9.74 -9.05
N LEU A 165 -17.07 8.84 -8.16
CA LEU A 165 -16.52 7.51 -8.15
C LEU A 165 -16.82 6.83 -9.44
N LYS A 166 -15.81 6.27 -10.07
CA LYS A 166 -15.97 5.58 -11.35
C LYS A 166 -14.70 4.80 -11.72
N SER A 167 -14.83 3.79 -12.56
CA SER A 167 -13.70 2.89 -12.85
C SER A 167 -12.49 3.60 -13.43
N PRO A 168 -12.69 4.60 -14.28
CA PRO A 168 -11.55 5.38 -14.78
C PRO A 168 -10.77 6.10 -13.67
N ASN A 169 -11.41 6.30 -12.51
CA ASN A 169 -10.77 6.98 -11.39
C ASN A 169 -10.00 6.04 -10.47
N LEU A 170 -10.27 4.75 -10.58
CA LEU A 170 -9.63 3.75 -9.73
C LEU A 170 -8.34 3.26 -10.35
N LEU A 171 -7.32 3.07 -9.52
CA LEU A 171 -5.99 2.63 -10.00
C LEU A 171 -5.63 1.24 -9.52
N VAL A 172 -4.84 0.53 -10.33
CA VAL A 172 -4.52 -0.86 -10.05
C VAL A 172 -3.00 -1.07 -10.08
N ASP A 173 -2.46 -1.75 -9.07
CA ASP A 173 -1.03 -1.99 -9.03
C ASP A 173 -0.65 -3.34 -9.65
N LYS A 174 0.62 -3.69 -9.52
CA LYS A 174 1.16 -4.89 -10.14
C LYS A 174 0.48 -6.17 -9.66
N LYS A 175 0.16 -6.23 -8.36
CA LYS A 175 -0.48 -7.40 -7.77
C LYS A 175 -2.01 -7.37 -7.95
N TYR A 176 -2.49 -6.45 -8.79
CA TYR A 176 -3.92 -6.30 -9.05
C TYR A 176 -4.73 -5.81 -7.85
N THR A 177 -4.06 -5.13 -6.93
CA THR A 177 -4.75 -4.43 -5.84
C THR A 177 -5.30 -3.10 -6.36
N VAL A 178 -6.54 -2.79 -5.99
CA VAL A 178 -7.21 -1.58 -6.49
C VAL A 178 -7.24 -0.51 -5.41
N LYS A 179 -7.02 0.75 -5.80
CA LYS A 179 -6.99 1.83 -4.83
C LYS A 179 -7.78 3.05 -5.28
N VAL A 180 -8.51 3.65 -4.35
CA VAL A 180 -9.29 4.84 -4.63
C VAL A 180 -8.37 6.05 -4.67
N CYS A 181 -8.42 6.77 -5.79
CA CYS A 181 -7.57 7.94 -6.00
C CYS A 181 -8.29 9.19 -5.48
N ASP A 182 -7.87 9.66 -4.31
CA ASP A 182 -8.49 10.84 -3.71
C ASP A 182 -7.58 12.05 -3.76
N PHE A 183 -8.01 13.12 -4.38
CA PHE A 183 -7.16 14.26 -4.57
C PHE A 183 -7.88 15.47 -4.04
N GLY A 201 -18.23 15.54 -15.29
CA GLY A 201 -17.78 14.83 -16.48
C GLY A 201 -18.85 13.93 -17.06
N THR A 202 -18.50 12.67 -17.31
CA THR A 202 -19.43 11.71 -17.89
C THR A 202 -20.23 10.96 -16.83
N PRO A 203 -21.53 10.78 -17.08
CA PRO A 203 -22.46 10.32 -16.02
C PRO A 203 -22.78 8.83 -15.87
N GLU A 204 -22.16 7.94 -16.61
CA GLU A 204 -22.56 6.53 -16.55
C GLU A 204 -22.37 5.89 -15.17
N TRP A 205 -21.72 6.56 -14.24
CA TRP A 205 -21.57 6.04 -12.91
C TRP A 205 -22.28 6.88 -11.88
N MET A 206 -22.88 7.99 -12.29
CA MET A 206 -23.57 8.87 -11.37
C MET A 206 -24.92 8.31 -10.93
N ALA A 207 -25.21 8.44 -9.64
CA ALA A 207 -26.50 8.01 -9.11
C ALA A 207 -27.62 8.85 -9.70
N PRO A 208 -28.84 8.29 -9.75
CA PRO A 208 -29.98 9.02 -10.29
C PRO A 208 -30.13 10.41 -9.67
N GLU A 209 -30.12 10.50 -8.34
CA GLU A 209 -30.30 11.78 -7.67
C GLU A 209 -29.27 12.80 -8.11
N VAL A 210 -28.04 12.35 -8.31
CA VAL A 210 -26.98 13.22 -8.83
C VAL A 210 -27.35 13.70 -10.24
N LEU A 211 -27.78 12.77 -11.08
CA LEU A 211 -28.19 13.11 -12.44
C LEU A 211 -29.34 14.09 -12.44
N ARG A 212 -30.14 14.08 -11.37
CA ARG A 212 -31.27 14.99 -11.24
C ARG A 212 -30.86 16.31 -10.63
N ASP A 213 -29.56 16.51 -10.46
CA ASP A 213 -29.04 17.77 -9.94
C ASP A 213 -29.56 18.00 -8.52
N GLU A 214 -29.76 16.91 -7.78
CA GLU A 214 -30.32 16.97 -6.44
C GLU A 214 -29.24 17.12 -5.36
N PRO A 215 -29.62 17.32 -4.12
CA PRO A 215 -28.63 17.54 -3.07
C PRO A 215 -27.69 16.35 -2.91
N SER A 216 -26.47 16.62 -2.45
CA SER A 216 -25.45 15.62 -2.24
C SER A 216 -25.90 14.59 -1.25
N ASN A 217 -25.61 13.33 -1.55
CA ASN A 217 -26.00 12.23 -0.71
C ASN A 217 -24.85 11.33 -0.38
N GLU A 218 -24.82 10.80 0.82
CA GLU A 218 -23.79 9.87 1.25
C GLU A 218 -23.85 8.51 0.53
N LYS A 219 -25.00 8.18 -0.03
CA LYS A 219 -25.20 6.88 -0.67
C LYS A 219 -25.19 6.98 -2.19
N SER A 220 -24.88 8.16 -2.71
CA SER A 220 -24.76 8.34 -4.15
C SER A 220 -23.64 7.48 -4.73
N ASP A 221 -22.50 7.46 -4.06
CA ASP A 221 -21.36 6.69 -4.54
C ASP A 221 -21.56 5.18 -4.34
N VAL A 222 -22.55 4.80 -3.54
CA VAL A 222 -22.90 3.39 -3.42
C VAL A 222 -23.55 2.92 -4.71
N TYR A 223 -24.32 3.79 -5.35
CA TYR A 223 -24.84 3.48 -6.66
C TYR A 223 -23.67 3.28 -7.63
N SER A 224 -22.74 4.24 -7.62
CA SER A 224 -21.58 4.17 -8.49
C SER A 224 -20.81 2.88 -8.28
N PHE A 225 -20.69 2.45 -7.02
CA PHE A 225 -20.02 1.19 -6.73
C PHE A 225 -20.77 0.03 -7.42
N GLY A 226 -22.10 0.09 -7.41
CA GLY A 226 -22.91 -0.91 -8.08
C GLY A 226 -22.58 -1.03 -9.56
N VAL A 227 -22.26 0.09 -10.18
CA VAL A 227 -21.90 0.08 -11.57
C VAL A 227 -20.50 -0.49 -11.77
N ILE A 228 -19.61 -0.23 -10.84
CA ILE A 228 -18.28 -0.72 -10.91
C ILE A 228 -18.25 -2.21 -10.70
N LEU A 229 -19.07 -2.71 -9.79
CA LEU A 229 -19.19 -4.12 -9.55
C LEU A 229 -19.79 -4.82 -10.72
N TRP A 230 -20.61 -4.12 -11.47
CA TRP A 230 -21.24 -4.65 -12.65
C TRP A 230 -20.24 -4.78 -13.78
N GLU A 231 -19.37 -3.80 -13.90
CA GLU A 231 -18.34 -3.79 -14.90
C GLU A 231 -17.40 -4.92 -14.64
N LEU A 232 -17.14 -5.16 -13.38
CA LEU A 232 -16.23 -6.19 -12.97
C LEU A 232 -16.78 -7.56 -13.20
N ALA A 233 -18.06 -7.74 -13.00
CA ALA A 233 -18.66 -9.03 -13.18
C ALA A 233 -19.02 -9.37 -14.60
N THR A 234 -19.28 -8.37 -15.40
CA THR A 234 -19.73 -8.57 -16.77
C THR A 234 -18.68 -8.15 -17.80
N LEU A 235 -17.80 -7.27 -17.40
CA LEU A 235 -16.78 -6.78 -18.29
C LEU A 235 -17.33 -5.99 -19.44
N GLN A 236 -18.55 -5.52 -19.27
CA GLN A 236 -19.18 -4.68 -20.28
C GLN A 236 -18.95 -3.21 -19.97
N GLN A 237 -19.03 -2.38 -21.00
CA GLN A 237 -19.01 -0.94 -20.81
C GLN A 237 -20.42 -0.49 -20.47
N PRO A 238 -20.55 0.36 -19.43
CA PRO A 238 -21.86 0.81 -18.97
C PRO A 238 -22.51 1.79 -19.96
N TRP A 239 -23.74 1.47 -20.38
CA TRP A 239 -24.50 2.36 -21.25
C TRP A 239 -23.77 2.65 -22.55
N GLY A 240 -23.05 1.65 -23.05
CA GLY A 240 -22.26 1.80 -24.26
C GLY A 240 -23.03 2.29 -25.47
N ASN A 241 -24.35 2.13 -25.45
CA ASN A 241 -25.17 2.51 -26.60
C ASN A 241 -25.92 3.84 -26.44
N LEU A 242 -25.64 4.55 -25.35
CA LEU A 242 -26.27 5.85 -25.13
C LEU A 242 -25.24 6.98 -25.14
N ASN A 243 -25.67 8.17 -25.54
CA ASN A 243 -24.83 9.35 -25.37
C ASN A 243 -25.06 9.91 -23.96
N PRO A 244 -24.13 10.72 -23.46
CA PRO A 244 -24.22 11.22 -22.09
C PRO A 244 -25.60 11.77 -21.73
N ALA A 245 -26.19 12.55 -22.62
CA ALA A 245 -27.49 13.15 -22.37
C ALA A 245 -28.58 12.09 -22.20
N GLN A 246 -28.51 11.03 -23.01
CA GLN A 246 -29.47 9.94 -22.92
C GLN A 246 -29.31 9.19 -21.61
N VAL A 247 -28.07 9.03 -21.16
CA VAL A 247 -27.81 8.42 -19.86
C VAL A 247 -28.53 9.21 -18.77
N VAL A 248 -28.29 10.52 -18.75
CA VAL A 248 -28.95 11.40 -17.80
C VAL A 248 -30.45 11.15 -17.75
N ALA A 249 -31.09 11.10 -18.92
CA ALA A 249 -32.53 10.88 -18.99
C ALA A 249 -32.91 9.47 -18.54
N ALA A 250 -32.20 8.48 -19.05
CA ALA A 250 -32.50 7.08 -18.76
C ALA A 250 -32.45 6.77 -17.26
N VAL A 251 -31.31 7.03 -16.64
CA VAL A 251 -31.10 6.68 -15.24
C VAL A 251 -31.68 7.73 -14.29
N GLY A 252 -31.65 8.99 -14.71
CA GLY A 252 -32.11 10.07 -13.86
C GLY A 252 -33.62 10.24 -13.80
N PHE A 253 -34.29 10.01 -14.93
CA PHE A 253 -35.70 10.33 -15.03
C PHE A 253 -36.61 9.17 -15.40
N LYS A 254 -36.03 8.13 -15.99
CA LYS A 254 -36.83 6.99 -16.41
C LYS A 254 -36.56 5.74 -15.56
N CYS A 255 -35.72 5.91 -14.53
CA CYS A 255 -35.40 4.83 -13.61
C CYS A 255 -34.87 3.60 -14.34
N LYS A 256 -34.18 3.84 -15.45
CA LYS A 256 -33.51 2.75 -16.15
C LYS A 256 -32.31 2.28 -15.34
N ARG A 257 -31.94 1.01 -15.53
CA ARG A 257 -30.79 0.44 -14.85
C ARG A 257 -30.07 -0.49 -15.79
N LEU A 258 -28.75 -0.58 -15.65
CA LEU A 258 -27.95 -1.51 -16.45
C LEU A 258 -28.51 -2.92 -16.34
N GLU A 259 -28.54 -3.64 -17.45
CA GLU A 259 -29.10 -4.99 -17.47
C GLU A 259 -28.15 -6.02 -16.87
N ILE A 260 -28.68 -6.84 -15.97
CA ILE A 260 -27.88 -7.87 -15.32
C ILE A 260 -28.11 -9.18 -16.05
N PRO A 261 -27.03 -9.81 -16.49
CA PRO A 261 -27.11 -11.09 -17.19
C PRO A 261 -27.77 -12.16 -16.31
N ARG A 262 -28.75 -12.87 -16.87
CA ARG A 262 -29.42 -13.94 -16.12
C ARG A 262 -28.39 -15.00 -15.76
N ASN A 263 -27.27 -14.95 -16.46
CA ASN A 263 -26.20 -15.93 -16.30
C ASN A 263 -25.28 -15.61 -15.12
N LEU A 264 -25.51 -14.47 -14.48
CA LEU A 264 -24.61 -13.97 -13.46
C LEU A 264 -24.85 -14.57 -12.07
N ASN A 265 -23.77 -14.72 -11.32
CA ASN A 265 -23.85 -15.17 -9.93
C ASN A 265 -24.94 -14.44 -9.18
N PRO A 266 -25.88 -15.19 -8.59
CA PRO A 266 -27.04 -14.62 -7.91
C PRO A 266 -26.64 -13.71 -6.74
N GLN A 267 -25.62 -14.12 -5.99
CA GLN A 267 -25.18 -13.36 -4.83
C GLN A 267 -24.54 -12.04 -5.23
N VAL A 268 -23.86 -12.04 -6.36
CA VAL A 268 -23.27 -10.81 -6.88
C VAL A 268 -24.35 -9.92 -7.46
N ALA A 269 -25.31 -10.53 -8.16
CA ALA A 269 -26.44 -9.79 -8.72
C ALA A 269 -27.21 -9.08 -7.62
N ALA A 270 -27.38 -9.74 -6.48
CA ALA A 270 -28.10 -9.16 -5.35
C ALA A 270 -27.38 -7.93 -4.82
N ILE A 271 -26.06 -8.03 -4.67
CA ILE A 271 -25.27 -6.90 -4.19
C ILE A 271 -25.45 -5.72 -5.13
N ILE A 272 -25.39 -5.99 -6.42
CA ILE A 272 -25.59 -4.97 -7.44
C ILE A 272 -26.97 -4.31 -7.33
N GLU A 273 -28.02 -5.13 -7.35
CA GLU A 273 -29.38 -4.62 -7.28
C GLU A 273 -29.61 -3.74 -6.06
N GLY A 274 -29.04 -4.14 -4.93
CA GLY A 274 -29.18 -3.39 -3.70
C GLY A 274 -28.54 -2.02 -3.77
N CYS A 275 -27.45 -1.92 -4.53
CA CYS A 275 -26.76 -0.64 -4.71
C CYS A 275 -27.55 0.30 -5.60
N TRP A 276 -28.52 -0.25 -6.32
CA TRP A 276 -29.23 0.50 -7.35
C TRP A 276 -30.65 0.91 -6.97
N THR A 277 -31.04 0.69 -5.72
CA THR A 277 -32.38 1.09 -5.32
C THR A 277 -32.55 2.58 -5.57
N ASN A 278 -33.76 2.98 -5.96
CA ASN A 278 -34.03 4.38 -6.24
C ASN A 278 -33.86 5.21 -4.97
N GLU A 279 -34.39 4.69 -3.87
CA GLU A 279 -34.23 5.33 -2.56
C GLU A 279 -32.80 5.15 -2.07
N PRO A 280 -32.03 6.25 -2.05
CA PRO A 280 -30.61 6.17 -1.71
C PRO A 280 -30.39 5.57 -0.31
N TRP A 281 -31.19 6.00 0.65
CA TRP A 281 -31.04 5.55 2.02
C TRP A 281 -31.33 4.05 2.20
N LYS A 282 -31.85 3.41 1.15
CA LYS A 282 -32.11 1.97 1.21
C LYS A 282 -30.93 1.14 0.72
N ARG A 283 -29.93 1.81 0.16
CA ARG A 283 -28.73 1.13 -0.32
C ARG A 283 -27.86 0.76 0.86
N PRO A 284 -27.18 -0.39 0.78
CA PRO A 284 -26.32 -0.84 1.88
C PRO A 284 -25.11 0.06 2.04
N SER A 285 -24.64 0.22 3.26
CA SER A 285 -23.39 0.89 3.53
C SER A 285 -22.27 0.12 2.85
N PHE A 286 -21.08 0.70 2.78
CA PHE A 286 -19.94 -0.02 2.22
C PHE A 286 -19.45 -1.15 3.14
N ALA A 287 -19.68 -1.00 4.44
CA ALA A 287 -19.30 -2.06 5.37
C ALA A 287 -20.18 -3.29 5.16
N THR A 288 -21.46 -3.05 4.89
CA THR A 288 -22.39 -4.13 4.59
C THR A 288 -21.99 -4.82 3.29
N ILE A 289 -21.62 -4.01 2.30
CA ILE A 289 -21.12 -4.53 1.04
C ILE A 289 -19.91 -5.42 1.27
N MET A 290 -19.04 -5.02 2.19
CA MET A 290 -17.86 -5.80 2.51
C MET A 290 -18.25 -7.16 3.09
N ASP A 291 -19.23 -7.15 3.99
CA ASP A 291 -19.73 -8.39 4.60
C ASP A 291 -20.26 -9.33 3.54
N LEU A 292 -20.95 -8.77 2.55
CA LEU A 292 -21.58 -9.58 1.50
C LEU A 292 -20.55 -10.11 0.50
N LEU A 293 -19.50 -9.35 0.27
CA LEU A 293 -18.47 -9.74 -0.68
C LEU A 293 -17.49 -10.74 -0.09
N ARG A 294 -17.30 -10.69 1.22
CA ARG A 294 -16.27 -11.52 1.86
C ARG A 294 -16.45 -13.03 1.70
N PRO A 295 -17.68 -13.50 1.73
CA PRO A 295 -17.92 -14.91 1.54
C PRO A 295 -17.49 -15.37 0.15
N LEU A 296 -17.76 -14.57 -0.87
CA LEU A 296 -17.43 -14.88 -2.26
C LEU A 296 -15.99 -15.02 -2.68
N ILE A 297 -15.14 -14.13 -2.20
CA ILE A 297 -13.73 -14.12 -2.51
C ILE A 297 -12.91 -15.25 -1.92
N LYS A 298 -13.30 -15.59 -0.72
CA LYS A 298 -12.69 -16.55 0.17
C LYS A 298 -12.62 -17.93 -0.46
N ASP B 31 -8.82 13.58 14.53
CA ASP B 31 -7.67 13.03 13.82
C ASP B 31 -7.22 11.73 14.45
N MET B 32 -5.92 11.50 14.37
CA MET B 32 -5.35 10.32 14.93
C MET B 32 -5.20 10.49 16.41
N ASP B 33 -6.33 10.80 17.03
CA ASP B 33 -6.49 10.75 18.47
C ASP B 33 -7.63 9.77 18.69
N ILE B 34 -7.47 8.58 18.12
CA ILE B 34 -8.50 7.55 18.11
C ILE B 34 -8.98 7.20 19.51
N PRO B 35 -10.28 7.38 19.76
CA PRO B 35 -10.88 7.00 21.04
C PRO B 35 -10.71 5.50 21.25
N TRP B 36 -10.12 5.10 22.37
CA TRP B 36 -9.88 3.68 22.63
C TRP B 36 -11.15 2.84 22.43
N CYS B 37 -12.31 3.47 22.66
CA CYS B 37 -13.58 2.78 22.53
C CYS B 37 -13.89 2.44 21.07
N ASP B 38 -13.36 3.25 20.16
CA ASP B 38 -13.60 3.06 18.73
C ASP B 38 -12.79 1.90 18.17
N LEU B 39 -11.96 1.30 19.02
CA LEU B 39 -11.18 0.13 18.62
C LEU B 39 -11.81 -1.16 19.14
N ASN B 40 -12.23 -2.02 18.22
CA ASN B 40 -12.73 -3.35 18.58
C ASN B 40 -11.58 -4.35 18.52
N ILE B 41 -10.94 -4.58 19.67
CA ILE B 41 -9.76 -5.45 19.73
C ILE B 41 -10.11 -6.92 19.51
N LYS B 42 -9.24 -7.60 18.75
CA LYS B 42 -9.38 -9.00 18.42
C LYS B 42 -8.19 -9.81 18.92
N GLU B 43 -7.91 -10.90 18.22
CA GLU B 43 -6.84 -11.82 18.59
C GLU B 43 -5.44 -11.18 18.61
N LYS B 44 -4.58 -11.66 19.52
CA LYS B 44 -3.19 -11.26 19.50
C LYS B 44 -2.54 -11.83 18.24
N ILE B 45 -1.62 -11.06 17.66
CA ILE B 45 -0.93 -11.52 16.46
C ILE B 45 0.58 -11.35 16.62
N GLY B 46 0.98 -10.84 17.77
CA GLY B 46 2.39 -10.63 18.07
C GLY B 46 2.60 -10.00 19.42
N ALA B 47 3.80 -10.15 19.95
CA ALA B 47 4.10 -9.76 21.33
C ALA B 47 4.58 -8.33 21.55
N GLY B 48 4.97 -7.65 20.48
CA GLY B 48 5.31 -6.25 20.59
C GLY B 48 6.66 -6.03 21.23
N SER B 49 7.12 -4.79 21.23
CA SER B 49 8.37 -4.45 21.88
C SER B 49 8.08 -3.70 23.17
N PHE B 50 7.24 -2.69 23.02
CA PHE B 50 6.75 -1.88 24.13
C PHE B 50 5.38 -2.35 24.60
N GLY B 51 4.72 -3.15 23.77
CA GLY B 51 3.40 -3.70 24.09
C GLY B 51 2.98 -4.75 23.09
N THR B 52 1.91 -5.48 23.41
CA THR B 52 1.45 -6.56 22.56
C THR B 52 0.77 -6.05 21.27
N VAL B 53 0.65 -6.93 20.28
CA VAL B 53 0.01 -6.57 19.02
C VAL B 53 -1.26 -7.38 18.80
N HIS B 54 -2.35 -6.70 18.48
CA HIS B 54 -3.63 -7.35 18.28
C HIS B 54 -4.25 -6.94 16.95
N ARG B 55 -4.85 -7.90 16.25
CA ARG B 55 -5.70 -7.57 15.12
C ARG B 55 -6.93 -6.86 15.68
N ALA B 56 -7.46 -5.90 14.95
CA ALA B 56 -8.64 -5.18 15.43
C ALA B 56 -9.51 -4.62 14.31
N GLU B 57 -10.72 -4.24 14.65
CA GLU B 57 -11.65 -3.62 13.72
C GLU B 57 -11.86 -2.16 14.10
N TRP B 58 -11.68 -1.27 13.12
CA TRP B 58 -11.81 0.17 13.35
C TRP B 58 -12.78 0.76 12.34
N HIS B 59 -14.00 1.03 12.76
CA HIS B 59 -15.03 1.56 11.87
C HIS B 59 -15.11 0.72 10.60
N GLY B 60 -15.04 -0.59 10.77
CA GLY B 60 -15.15 -1.51 9.63
C GLY B 60 -13.82 -1.89 9.02
N SER B 61 -12.80 -1.07 9.22
CA SER B 61 -11.50 -1.32 8.62
C SER B 61 -10.65 -2.31 9.43
N ASP B 62 -9.90 -3.14 8.72
CA ASP B 62 -9.06 -4.16 9.34
C ASP B 62 -7.68 -3.60 9.66
N VAL B 63 -7.33 -3.60 10.95
CA VAL B 63 -6.06 -2.99 11.37
C VAL B 63 -5.29 -3.79 12.42
N ALA B 64 -4.05 -3.38 12.65
CA ALA B 64 -3.21 -3.97 13.67
C ALA B 64 -2.95 -2.92 14.75
N VAL B 65 -3.06 -3.33 16.00
CA VAL B 65 -2.85 -2.41 17.10
C VAL B 65 -1.78 -2.88 18.03
N LYS B 66 -0.86 -1.99 18.35
CA LYS B 66 0.21 -2.31 19.23
C LYS B 66 -0.14 -1.58 20.47
N ILE B 67 -0.65 -2.32 21.43
CA ILE B 67 -1.05 -1.74 22.68
C ILE B 67 0.16 -1.63 23.57
N LEU B 68 0.34 -0.45 24.15
CA LEU B 68 1.49 -0.22 25.03
C LEU B 68 1.02 0.14 26.44
N PHE B 81 6.86 6.08 22.79
CA PHE B 81 5.58 6.21 22.10
C PHE B 81 5.32 7.64 21.63
N LEU B 82 5.66 8.60 22.49
CA LEU B 82 5.47 10.00 22.15
C LEU B 82 6.30 10.37 20.93
N ARG B 83 7.53 9.86 20.89
CA ARG B 83 8.43 10.13 19.77
C ARG B 83 8.14 9.18 18.63
N GLU B 84 7.90 7.91 18.96
CA GLU B 84 7.61 6.90 17.95
C GLU B 84 6.47 7.29 17.01
N VAL B 85 5.48 8.01 17.53
CA VAL B 85 4.35 8.43 16.70
C VAL B 85 4.73 9.54 15.74
N ALA B 86 5.44 10.54 16.22
CA ALA B 86 5.78 11.66 15.35
C ALA B 86 6.56 11.19 14.15
N ILE B 87 7.50 10.29 14.38
CA ILE B 87 8.32 9.75 13.31
C ILE B 87 7.52 8.95 12.29
N MET B 88 6.60 8.14 12.77
CA MET B 88 5.78 7.29 11.93
C MET B 88 4.91 8.08 10.98
N LYS B 89 4.41 9.20 11.45
CA LYS B 89 3.53 10.04 10.62
C LYS B 89 4.23 10.54 9.37
N ARG B 90 5.55 10.72 9.44
CA ARG B 90 6.30 11.29 8.32
C ARG B 90 6.79 10.24 7.33
N LEU B 91 6.63 8.97 7.67
CA LEU B 91 7.03 7.89 6.79
C LEU B 91 5.88 7.43 5.90
N ARG B 92 6.04 7.61 4.59
CA ARG B 92 5.04 7.17 3.63
C ARG B 92 5.71 6.49 2.45
N HIS B 93 5.67 5.16 2.44
CA HIS B 93 6.24 4.39 1.34
C HIS B 93 5.56 3.03 1.27
N PRO B 94 5.36 2.52 0.05
CA PRO B 94 4.66 1.24 -0.17
C PRO B 94 5.28 0.09 0.63
N ASN B 95 6.56 0.18 0.97
CA ASN B 95 7.24 -0.88 1.69
C ASN B 95 7.54 -0.55 3.15
N ILE B 96 6.86 0.48 3.66
CA ILE B 96 6.86 0.75 5.07
C ILE B 96 5.45 0.47 5.57
N VAL B 97 5.34 -0.16 6.73
CA VAL B 97 4.03 -0.47 7.27
C VAL B 97 3.20 0.80 7.43
N LEU B 98 2.02 0.81 6.81
CA LEU B 98 1.19 2.00 6.77
C LEU B 98 0.66 2.39 8.15
N PHE B 99 1.16 3.50 8.67
CA PHE B 99 0.64 4.08 9.90
C PHE B 99 -0.76 4.63 9.63
N MET B 100 -1.72 4.23 10.44
CA MET B 100 -3.11 4.63 10.21
C MET B 100 -3.67 5.51 11.32
N GLY B 101 -2.98 5.54 12.47
CA GLY B 101 -3.41 6.38 13.57
C GLY B 101 -2.88 5.93 14.91
N ALA B 102 -3.29 6.63 15.96
CA ALA B 102 -2.80 6.32 17.30
C ALA B 102 -3.80 6.71 18.37
N VAL B 103 -3.91 5.87 19.39
CA VAL B 103 -4.67 6.23 20.58
C VAL B 103 -3.75 7.05 21.47
N THR B 104 -4.15 8.29 21.73
CA THR B 104 -3.29 9.25 22.42
C THR B 104 -3.56 9.33 23.93
N GLN B 105 -4.79 9.02 24.33
CA GLN B 105 -5.20 9.15 25.73
C GLN B 105 -4.90 7.91 26.57
N PRO B 106 -4.23 8.10 27.70
CA PRO B 106 -3.90 7.01 28.64
C PRO B 106 -5.17 6.36 29.19
N PRO B 107 -5.11 5.12 29.64
CA PRO B 107 -3.90 4.34 29.84
C PRO B 107 -3.57 3.37 28.72
N ASN B 108 -4.19 3.52 27.56
CA ASN B 108 -3.92 2.57 26.51
C ASN B 108 -3.50 3.25 25.25
N LEU B 109 -2.31 3.85 25.30
CA LEU B 109 -1.74 4.43 24.14
C LEU B 109 -1.42 3.31 23.22
N SER B 110 -1.70 3.51 21.95
CA SER B 110 -1.49 2.48 20.96
C SER B 110 -1.17 3.06 19.62
N ILE B 111 -0.56 2.26 18.78
CA ILE B 111 -0.24 2.66 17.43
C ILE B 111 -0.96 1.76 16.43
N VAL B 112 -1.88 2.34 15.68
CA VAL B 112 -2.70 1.59 14.75
C VAL B 112 -2.08 1.64 13.35
N THR B 113 -1.93 0.46 12.74
CA THR B 113 -1.37 0.36 11.40
C THR B 113 -2.22 -0.59 10.56
N GLU B 114 -1.91 -0.65 9.28
CA GLU B 114 -2.54 -1.63 8.41
C GLU B 114 -2.28 -3.02 8.95
N TYR B 115 -3.12 -3.97 8.56
CA TYR B 115 -2.94 -5.37 8.94
C TYR B 115 -2.30 -6.14 7.79
N LEU B 116 -1.17 -6.79 8.07
CA LEU B 116 -0.50 -7.61 7.09
C LEU B 116 -0.75 -9.07 7.42
N SER B 117 -1.76 -9.68 6.77
CA SER B 117 -2.26 -11.05 7.09
C SER B 117 -1.23 -12.10 7.33
N ARG B 118 -0.30 -12.25 6.43
CA ARG B 118 0.78 -13.21 6.68
C ARG B 118 1.71 -12.57 7.71
N GLY B 119 2.33 -13.38 8.56
CA GLY B 119 3.07 -12.84 9.68
C GLY B 119 4.44 -12.28 9.34
N SER B 120 5.42 -12.59 10.18
CA SER B 120 6.79 -12.16 9.96
C SER B 120 7.40 -12.95 8.82
N LEU B 121 8.36 -12.33 8.13
CA LEU B 121 9.05 -12.97 7.03
C LEU B 121 9.76 -14.23 7.50
N TYR B 122 10.16 -14.23 8.77
CA TYR B 122 10.90 -15.34 9.35
C TYR B 122 10.06 -16.61 9.42
N ARG B 123 8.86 -16.49 9.99
CA ARG B 123 7.94 -17.62 10.10
C ARG B 123 7.61 -18.17 8.72
N LEU B 124 7.48 -17.26 7.75
CA LEU B 124 7.09 -17.64 6.41
C LEU B 124 8.16 -18.47 5.72
N LEU B 125 9.41 -18.05 5.85
CA LEU B 125 10.52 -18.72 5.17
C LEU B 125 10.88 -20.06 5.81
N HIS B 126 10.76 -20.14 7.12
CA HIS B 126 11.20 -21.33 7.85
C HIS B 126 10.01 -22.23 8.21
N LYS B 127 9.08 -22.33 7.29
CA LYS B 127 7.88 -23.11 7.47
C LYS B 127 7.84 -24.30 6.54
N SER B 128 7.14 -25.35 6.95
CA SER B 128 7.02 -26.53 6.11
C SER B 128 6.34 -26.17 4.79
N GLY B 129 7.03 -26.43 3.68
CA GLY B 129 6.48 -26.18 2.36
C GLY B 129 6.81 -24.80 1.83
N ALA B 130 7.70 -24.11 2.53
CA ALA B 130 8.09 -22.76 2.14
C ALA B 130 8.66 -22.72 0.72
N ARG B 131 9.51 -23.68 0.40
CA ARG B 131 10.22 -23.68 -0.88
C ARG B 131 9.31 -23.87 -2.09
N GLU B 132 8.22 -24.61 -1.91
CA GLU B 132 7.29 -24.83 -3.01
C GLU B 132 6.16 -23.80 -3.01
N GLN B 133 6.08 -23.04 -1.93
CA GLN B 133 5.13 -21.94 -1.85
C GLN B 133 5.81 -20.66 -2.34
N LEU B 134 7.13 -20.60 -2.20
CA LEU B 134 7.90 -19.42 -2.58
C LEU B 134 8.97 -19.79 -3.60
N ASP B 135 8.69 -19.52 -4.88
CA ASP B 135 9.66 -19.79 -5.94
C ASP B 135 10.76 -18.73 -5.95
N GLU B 136 11.80 -18.97 -6.74
CA GLU B 136 12.93 -18.07 -6.83
C GLU B 136 12.52 -16.61 -7.02
N ARG B 137 11.65 -16.36 -8.00
CA ARG B 137 11.28 -15.00 -8.34
C ARG B 137 10.54 -14.28 -7.21
N ARG B 138 9.63 -14.99 -6.56
CA ARG B 138 8.90 -14.39 -5.45
C ARG B 138 9.85 -14.05 -4.32
N ARG B 139 10.83 -14.92 -4.08
CA ARG B 139 11.78 -14.72 -3.00
C ARG B 139 12.72 -13.56 -3.27
N LEU B 140 13.07 -13.36 -4.54
CA LEU B 140 13.90 -12.22 -4.92
C LEU B 140 13.11 -10.93 -4.87
N SER B 141 11.83 -11.00 -5.26
CA SER B 141 10.96 -9.83 -5.23
C SER B 141 10.79 -9.37 -3.79
N MET B 142 10.73 -10.33 -2.87
CA MET B 142 10.64 -10.02 -1.45
C MET B 142 11.88 -9.28 -0.96
N ALA B 143 13.05 -9.65 -1.48
CA ALA B 143 14.27 -8.95 -1.14
C ALA B 143 14.24 -7.54 -1.72
N TYR B 144 13.69 -7.43 -2.92
CA TYR B 144 13.55 -6.15 -3.59
C TYR B 144 12.65 -5.19 -2.79
N ASP B 145 11.58 -5.72 -2.23
CA ASP B 145 10.68 -4.93 -1.38
C ASP B 145 11.44 -4.33 -0.20
N VAL B 146 12.20 -5.17 0.48
CA VAL B 146 12.99 -4.74 1.63
C VAL B 146 13.97 -3.65 1.25
N ALA B 147 14.71 -3.88 0.16
CA ALA B 147 15.68 -2.92 -0.32
C ALA B 147 15.03 -1.58 -0.67
N LYS B 148 13.82 -1.66 -1.23
CA LYS B 148 13.08 -0.45 -1.57
C LYS B 148 12.70 0.34 -0.32
N GLY B 149 12.21 -0.36 0.69
CA GLY B 149 11.84 0.29 1.94
C GLY B 149 13.05 0.87 2.65
N MET B 150 14.15 0.12 2.66
CA MET B 150 15.36 0.58 3.33
C MET B 150 15.96 1.78 2.61
N ASN B 151 15.95 1.75 1.29
CA ASN B 151 16.43 2.91 0.52
C ASN B 151 15.62 4.16 0.84
N TYR B 152 14.32 3.99 1.00
CA TYR B 152 13.47 5.10 1.39
C TYR B 152 13.87 5.65 2.76
N LEU B 153 13.98 4.75 3.74
CA LEU B 153 14.34 5.16 5.09
C LEU B 153 15.68 5.90 5.12
N HIS B 154 16.64 5.42 4.33
CA HIS B 154 17.97 6.02 4.29
C HIS B 154 18.00 7.37 3.60
N ASN B 155 16.99 7.64 2.78
CA ASN B 155 16.90 8.92 2.09
C ASN B 155 16.02 9.92 2.83
N ARG B 156 15.62 9.50 4.01
CA ARG B 156 14.83 10.31 4.87
C ARG B 156 15.85 11.31 5.36
N ASN B 157 15.39 12.34 6.03
CA ASN B 157 16.24 13.40 6.53
C ASN B 157 15.78 14.05 7.79
N PRO B 158 16.51 13.81 8.84
CA PRO B 158 17.71 12.98 8.78
C PRO B 158 17.40 11.55 8.42
N PRO B 159 18.36 10.86 7.85
CA PRO B 159 18.17 9.48 7.44
C PRO B 159 17.93 8.55 8.61
N ILE B 160 16.99 7.63 8.43
CA ILE B 160 16.67 6.67 9.47
C ILE B 160 17.49 5.41 9.28
N VAL B 161 18.38 5.16 10.24
CA VAL B 161 19.23 3.98 10.19
C VAL B 161 18.73 2.94 11.19
N HIS B 162 18.26 1.80 10.71
CA HIS B 162 17.69 0.82 11.62
C HIS B 162 18.57 0.08 12.62
N ARG B 163 19.51 -0.69 12.12
CA ARG B 163 20.52 -1.29 12.97
C ARG B 163 20.02 -2.52 13.66
N ASN B 164 18.72 -2.76 13.53
CA ASN B 164 18.14 -3.95 14.07
C ASN B 164 17.27 -4.56 13.05
N LEU B 165 17.61 -4.36 11.79
CA LEU B 165 16.85 -4.92 10.72
C LEU B 165 17.03 -6.41 10.77
N LYS B 166 15.94 -7.12 10.75
CA LYS B 166 15.95 -8.58 10.87
C LYS B 166 14.65 -9.17 10.34
N SER B 167 14.75 -10.33 9.70
CA SER B 167 13.59 -10.95 9.06
C SER B 167 12.39 -11.22 9.99
N PRO B 168 12.65 -11.41 11.30
CA PRO B 168 11.50 -11.57 12.20
C PRO B 168 10.69 -10.27 12.36
N ASN B 169 11.29 -9.15 12.05
CA ASN B 169 10.64 -7.87 12.18
C ASN B 169 10.01 -7.38 10.91
N LEU B 170 10.15 -8.13 9.84
CA LEU B 170 9.54 -7.77 8.57
C LEU B 170 8.22 -8.50 8.43
N LEU B 171 7.19 -7.78 7.99
CA LEU B 171 5.87 -8.37 7.85
C LEU B 171 5.45 -8.52 6.39
N VAL B 172 4.66 -9.56 6.12
CA VAL B 172 4.25 -9.89 4.76
C VAL B 172 2.74 -9.84 4.62
N ASP B 173 2.25 -9.24 3.54
CA ASP B 173 0.81 -9.13 3.33
C ASP B 173 0.29 -10.31 2.53
N LYS B 174 -1.02 -10.33 2.30
CA LYS B 174 -1.67 -11.43 1.59
C LYS B 174 -0.99 -11.75 0.26
N LYS B 175 -0.55 -10.70 -0.44
CA LYS B 175 0.02 -10.86 -1.78
C LYS B 175 1.56 -10.90 -1.77
N TYR B 176 2.13 -11.20 -0.63
CA TYR B 176 3.57 -11.35 -0.51
C TYR B 176 4.47 -10.14 -0.52
N THR B 177 3.87 -8.98 -0.45
CA THR B 177 4.66 -7.76 -0.38
C THR B 177 5.23 -7.59 1.03
N VAL B 178 6.54 -7.46 1.12
CA VAL B 178 7.20 -7.32 2.41
C VAL B 178 7.33 -5.85 2.80
N LYS B 179 7.19 -5.56 4.10
CA LYS B 179 7.31 -4.18 4.58
C LYS B 179 8.16 -4.08 5.85
N VAL B 180 8.83 -2.95 6.01
CA VAL B 180 9.61 -2.66 7.21
C VAL B 180 8.69 -2.12 8.31
N CYS B 181 8.77 -2.69 9.50
CA CYS B 181 7.90 -2.31 10.60
C CYS B 181 8.53 -1.81 11.86
N ASP B 182 9.85 -1.78 11.92
CA ASP B 182 10.56 -1.39 13.11
C ASP B 182 11.45 -0.27 12.70
N PHE B 183 11.82 0.61 13.60
CA PHE B 183 12.67 1.72 13.21
C PHE B 183 13.66 2.10 14.30
N GLY B 201 19.59 -13.35 22.78
CA GLY B 201 18.31 -13.35 22.09
C GLY B 201 18.42 -13.73 20.62
N THR B 202 18.43 -12.73 19.75
CA THR B 202 18.53 -12.97 18.31
C THR B 202 19.47 -11.96 17.62
N PRO B 203 20.78 -12.21 17.68
CA PRO B 203 21.83 -11.36 17.11
C PRO B 203 22.25 -11.78 15.70
N GLU B 204 21.50 -12.68 15.08
CA GLU B 204 21.89 -13.26 13.80
C GLU B 204 21.95 -12.26 12.65
N TRP B 205 21.34 -11.10 12.82
CA TRP B 205 21.26 -10.11 11.74
C TRP B 205 22.07 -8.85 12.00
N MET B 206 22.58 -8.71 13.22
CA MET B 206 23.31 -7.51 13.59
C MET B 206 24.67 -7.42 12.90
N ALA B 207 24.97 -6.26 12.37
CA ALA B 207 26.28 -6.02 11.77
C ALA B 207 27.35 -6.18 12.84
N PRO B 208 28.53 -6.65 12.43
CA PRO B 208 29.67 -6.82 13.35
C PRO B 208 29.94 -5.56 14.18
N GLU B 209 29.91 -4.40 13.54
CA GLU B 209 30.23 -3.16 14.23
C GLU B 209 29.15 -2.77 15.25
N VAL B 210 27.92 -3.25 15.02
CA VAL B 210 26.82 -2.99 15.95
C VAL B 210 26.92 -3.91 17.16
N LEU B 211 27.35 -5.14 16.94
CA LEU B 211 27.56 -6.09 18.02
C LEU B 211 28.59 -5.53 19.00
N ARG B 212 29.64 -4.94 18.46
CA ARG B 212 30.73 -4.43 19.29
C ARG B 212 30.45 -3.00 19.75
N ASP B 213 29.21 -2.56 19.55
CA ASP B 213 28.78 -1.23 19.99
C ASP B 213 29.74 -0.15 19.52
N GLU B 214 30.19 -0.26 18.28
CA GLU B 214 31.11 0.72 17.72
C GLU B 214 30.33 1.83 17.02
N PRO B 215 30.99 2.92 16.65
CA PRO B 215 30.24 3.98 15.98
C PRO B 215 29.54 3.40 14.76
N SER B 216 28.25 3.64 14.66
CA SER B 216 27.45 3.12 13.55
C SER B 216 27.37 3.96 12.28
N ASN B 217 26.88 3.32 11.23
CA ASN B 217 26.72 3.89 9.91
C ASN B 217 25.50 3.33 9.20
N GLU B 218 25.16 3.95 8.08
CA GLU B 218 24.01 3.53 7.25
C GLU B 218 24.25 2.11 6.76
N LYS B 219 25.52 1.73 6.69
CA LYS B 219 25.90 0.46 6.09
C LYS B 219 25.66 -0.75 6.99
N SER B 220 25.51 -0.51 8.29
CA SER B 220 25.22 -1.63 9.20
C SER B 220 23.90 -2.28 8.78
N ASP B 221 22.99 -1.47 8.26
CA ASP B 221 21.73 -1.96 7.70
C ASP B 221 21.97 -2.92 6.55
N VAL B 222 22.97 -2.60 5.73
CA VAL B 222 23.27 -3.37 4.55
C VAL B 222 23.77 -4.78 4.93
N TYR B 223 24.56 -4.87 5.99
CA TYR B 223 24.99 -6.19 6.45
C TYR B 223 23.75 -7.02 6.81
N SER B 224 22.84 -6.40 7.55
CA SER B 224 21.62 -7.07 7.99
C SER B 224 20.82 -7.54 6.80
N PHE B 225 20.71 -6.69 5.78
CA PHE B 225 20.00 -7.06 4.56
C PHE B 225 20.67 -8.27 3.91
N GLY B 226 22.00 -8.31 3.97
CA GLY B 226 22.76 -9.41 3.42
C GLY B 226 22.32 -10.74 4.00
N VAL B 227 22.10 -10.75 5.32
CA VAL B 227 21.63 -11.96 6.00
C VAL B 227 20.23 -12.30 5.52
N ILE B 228 19.39 -11.27 5.39
CA ILE B 228 18.02 -11.46 4.93
C ILE B 228 17.98 -12.05 3.51
N LEU B 229 18.76 -11.46 2.61
CA LEU B 229 18.86 -11.97 1.26
C LEU B 229 19.35 -13.42 1.27
N TRP B 230 20.28 -13.70 2.17
CA TRP B 230 20.83 -15.05 2.34
C TRP B 230 19.72 -16.02 2.74
N GLU B 231 18.92 -15.64 3.75
CA GLU B 231 17.76 -16.43 4.15
C GLU B 231 16.85 -16.68 2.97
N LEU B 232 16.55 -15.62 2.22
CA LEU B 232 15.64 -15.70 1.09
C LEU B 232 16.16 -16.64 0.00
N ALA B 233 17.47 -16.63 -0.22
CA ALA B 233 18.07 -17.42 -1.29
C ALA B 233 18.30 -18.87 -0.89
N THR B 234 18.57 -19.11 0.39
CA THR B 234 18.91 -20.45 0.87
C THR B 234 17.77 -21.10 1.66
N LEU B 235 16.88 -20.28 2.18
CA LEU B 235 15.80 -20.77 3.03
C LEU B 235 16.32 -21.50 4.25
N GLN B 236 17.57 -21.23 4.60
CA GLN B 236 18.18 -21.79 5.81
C GLN B 236 18.08 -20.80 6.96
N GLN B 237 18.31 -21.28 8.17
CA GLN B 237 18.37 -20.41 9.34
C GLN B 237 19.80 -19.93 9.55
N PRO B 238 19.96 -18.61 9.77
CA PRO B 238 21.29 -18.04 10.03
C PRO B 238 21.84 -18.53 11.36
N TRP B 239 23.02 -19.13 11.35
CA TRP B 239 23.64 -19.61 12.58
C TRP B 239 22.68 -20.47 13.38
N GLY B 240 21.99 -21.39 12.72
CA GLY B 240 21.06 -22.27 13.40
C GLY B 240 21.75 -23.14 14.44
N ASN B 241 22.98 -23.52 14.17
CA ASN B 241 23.72 -24.39 15.06
C ASN B 241 24.38 -23.67 16.21
N LEU B 242 24.27 -22.36 16.22
CA LEU B 242 24.93 -21.56 17.26
C LEU B 242 23.90 -20.96 18.22
N ASN B 243 24.33 -20.77 19.47
CA ASN B 243 23.52 -20.02 20.43
C ASN B 243 23.89 -18.55 20.32
N PRO B 244 23.07 -17.66 20.91
CA PRO B 244 23.28 -16.22 20.81
C PRO B 244 24.71 -15.78 21.10
N ALA B 245 25.28 -16.30 22.19
CA ALA B 245 26.63 -15.92 22.59
C ALA B 245 27.68 -16.32 21.55
N GLN B 246 27.51 -17.50 20.97
CA GLN B 246 28.43 -17.99 19.96
C GLN B 246 28.33 -17.17 18.68
N VAL B 247 27.12 -16.73 18.34
CA VAL B 247 26.93 -15.86 17.18
C VAL B 247 27.74 -14.58 17.36
N VAL B 248 27.63 -13.97 18.53
CA VAL B 248 28.35 -12.74 18.85
C VAL B 248 29.86 -12.93 18.74
N ALA B 249 30.37 -14.04 19.26
CA ALA B 249 31.80 -14.32 19.20
C ALA B 249 32.24 -14.54 17.75
N ALA B 250 31.43 -15.28 17.00
CA ALA B 250 31.76 -15.65 15.63
C ALA B 250 31.77 -14.45 14.69
N VAL B 251 30.70 -13.66 14.73
CA VAL B 251 30.55 -12.55 13.81
C VAL B 251 31.31 -11.32 14.27
N GLY B 252 31.26 -11.05 15.58
CA GLY B 252 31.87 -9.87 16.14
C GLY B 252 33.36 -9.93 16.37
N PHE B 253 33.91 -11.13 16.57
CA PHE B 253 35.31 -11.24 16.99
C PHE B 253 36.14 -12.27 16.24
N LYS B 254 35.48 -13.26 15.66
CA LYS B 254 36.18 -14.28 14.88
C LYS B 254 36.09 -14.00 13.39
N CYS B 255 35.55 -12.83 13.02
CA CYS B 255 35.46 -12.43 11.62
C CYS B 255 34.77 -13.47 10.75
N LYS B 256 33.81 -14.17 11.30
CA LYS B 256 33.14 -15.24 10.56
C LYS B 256 31.86 -14.78 9.85
N ARG B 257 31.49 -15.51 8.80
CA ARG B 257 30.34 -15.17 7.97
C ARG B 257 29.58 -16.41 7.55
N LEU B 258 28.29 -16.26 7.31
CA LEU B 258 27.46 -17.38 6.87
C LEU B 258 28.00 -18.00 5.59
N GLU B 259 27.91 -19.32 5.47
CA GLU B 259 28.38 -19.99 4.28
C GLU B 259 27.43 -19.75 3.12
N ILE B 260 27.97 -19.23 2.02
CA ILE B 260 27.20 -19.07 0.81
C ILE B 260 27.36 -20.33 -0.05
N PRO B 261 26.24 -21.02 -0.29
CA PRO B 261 26.22 -22.29 -1.05
C PRO B 261 26.79 -22.10 -2.45
N ARG B 262 27.66 -23.02 -2.87
CA ARG B 262 28.30 -22.92 -4.18
C ARG B 262 27.29 -22.97 -5.31
N ASN B 263 26.13 -23.56 -5.05
CA ASN B 263 25.10 -23.72 -6.07
C ASN B 263 24.35 -22.42 -6.35
N LEU B 264 24.52 -21.45 -5.46
CA LEU B 264 23.72 -20.23 -5.49
C LEU B 264 23.90 -19.43 -6.77
N ASN B 265 22.82 -18.80 -7.23
CA ASN B 265 22.89 -17.86 -8.34
C ASN B 265 24.02 -16.87 -8.09
N PRO B 266 24.93 -16.73 -9.06
CA PRO B 266 26.16 -15.94 -8.91
C PRO B 266 25.91 -14.46 -8.65
N GLN B 267 24.89 -13.90 -9.30
CA GLN B 267 24.54 -12.49 -9.07
C GLN B 267 24.07 -12.29 -7.64
N VAL B 268 23.16 -13.16 -7.20
CA VAL B 268 22.68 -13.14 -5.83
C VAL B 268 23.84 -13.24 -4.85
N ALA B 269 24.67 -14.26 -5.04
CA ALA B 269 25.81 -14.48 -4.15
C ALA B 269 26.70 -13.25 -4.05
N ALA B 270 26.99 -12.63 -5.18
CA ALA B 270 27.84 -11.45 -5.21
C ALA B 270 27.24 -10.32 -4.38
N ILE B 271 25.92 -10.14 -4.49
CA ILE B 271 25.24 -9.14 -3.69
C ILE B 271 25.42 -9.42 -2.20
N ILE B 272 25.14 -10.65 -1.81
CA ILE B 272 25.31 -11.07 -0.42
C ILE B 272 26.71 -10.77 0.09
N GLU B 273 27.72 -11.22 -0.67
CA GLU B 273 29.11 -10.98 -0.29
C GLU B 273 29.42 -9.49 -0.17
N GLY B 274 28.88 -8.70 -1.09
CA GLY B 274 29.08 -7.26 -1.07
C GLY B 274 28.60 -6.66 0.23
N CYS B 275 27.47 -7.16 0.73
CA CYS B 275 26.86 -6.64 1.94
C CYS B 275 27.66 -6.98 3.20
N TRP B 276 28.56 -7.94 3.07
CA TRP B 276 29.26 -8.49 4.23
C TRP B 276 30.71 -8.01 4.36
N THR B 277 31.11 -7.07 3.52
CA THR B 277 32.46 -6.52 3.59
C THR B 277 32.74 -6.01 4.99
N ASN B 278 33.89 -6.38 5.54
CA ASN B 278 34.29 -5.92 6.87
C ASN B 278 34.22 -4.41 6.99
N GLU B 279 34.75 -3.73 6.00
CA GLU B 279 34.72 -2.27 5.97
C GLU B 279 33.36 -1.82 5.48
N PRO B 280 32.58 -1.19 6.38
CA PRO B 280 31.18 -0.85 6.11
C PRO B 280 31.02 0.05 4.89
N TRP B 281 31.89 1.04 4.76
CA TRP B 281 31.77 2.00 3.67
C TRP B 281 31.99 1.34 2.30
N LYS B 282 32.45 0.10 2.31
CA LYS B 282 32.65 -0.64 1.08
C LYS B 282 31.44 -1.48 0.68
N ARG B 283 30.43 -1.53 1.54
CA ARG B 283 29.18 -2.22 1.22
C ARG B 283 28.34 -1.35 0.29
N PRO B 284 27.54 -1.99 -0.57
CA PRO B 284 26.71 -1.22 -1.49
C PRO B 284 25.61 -0.47 -0.77
N SER B 285 25.18 0.64 -1.33
CA SER B 285 23.99 1.34 -0.85
C SER B 285 22.77 0.51 -1.26
N PHE B 286 21.63 0.78 -0.63
CA PHE B 286 20.41 0.07 -0.98
C PHE B 286 19.96 0.43 -2.40
N ALA B 287 20.27 1.63 -2.86
CA ALA B 287 19.97 2.01 -4.23
C ALA B 287 20.73 1.09 -5.18
N THR B 288 22.01 0.86 -4.87
CA THR B 288 22.84 -0.03 -5.67
C THR B 288 22.28 -1.44 -5.65
N ILE B 289 21.89 -1.89 -4.47
CA ILE B 289 21.30 -3.22 -4.31
C ILE B 289 20.05 -3.38 -5.16
N MET B 290 19.22 -2.34 -5.22
CA MET B 290 18.03 -2.36 -6.06
C MET B 290 18.42 -2.57 -7.53
N ASP B 291 19.43 -1.82 -7.97
CA ASP B 291 19.95 -1.96 -9.32
C ASP B 291 20.32 -3.41 -9.63
N LEU B 292 21.07 -4.03 -8.72
CA LEU B 292 21.55 -5.39 -8.94
C LEU B 292 20.44 -6.43 -8.94
N LEU B 293 19.42 -6.20 -8.12
CA LEU B 293 18.31 -7.14 -7.99
C LEU B 293 17.31 -7.04 -9.13
N ARG B 294 17.09 -5.82 -9.63
CA ARG B 294 16.04 -5.58 -10.60
C ARG B 294 16.09 -6.53 -11.81
N PRO B 295 17.27 -6.70 -12.42
CA PRO B 295 17.42 -7.58 -13.57
C PRO B 295 17.02 -9.03 -13.26
N LEU B 296 17.34 -9.48 -12.05
CA LEU B 296 17.09 -10.86 -11.65
C LEU B 296 15.60 -11.20 -11.58
N ILE B 297 14.77 -10.17 -11.45
CA ILE B 297 13.32 -10.36 -11.47
C ILE B 297 12.70 -9.68 -12.67
N LYS B 298 12.06 -10.47 -13.53
CA LYS B 298 11.40 -9.96 -14.73
C LYS B 298 12.11 -8.73 -15.32
O4 STU C . -3.93 9.32 -15.36
C25 STU C . -3.82 7.93 -15.50
C24 STU C . -5.15 7.20 -15.58
C23 STU C . -6.28 8.26 -15.61
C22 STU C . -6.15 9.09 -14.33
C21 STU C . -4.80 9.80 -14.36
C26 STU C . -5.13 11.23 -14.80
N2 STU C . -4.20 9.84 -13.02
C18 STU C . -3.27 8.89 -12.59
C19 STU C . -2.70 7.80 -13.26
C6 STU C . -1.77 6.99 -12.61
C7 STU C . -1.39 7.28 -11.27
C10 STU C . -1.95 8.37 -10.63
C11 STU C . -2.89 9.18 -11.27
C12 STU C . -3.65 10.37 -10.87
C17 STU C . -4.44 10.72 -11.99
C16 STU C . -5.29 11.84 -11.91
C15 STU C . -5.30 12.55 -10.72
C14 STU C . -4.52 12.19 -9.63
C13 STU C . -3.68 11.09 -9.69
C9 STU C . -1.35 8.39 -9.24
N1 STU C . -0.54 7.18 -9.13
C8 STU C . -0.47 6.61 -10.35
O5 STU C . 0.20 5.62 -10.61
C5 STU C . -1.39 5.96 -13.58
C20 STU C . -2.13 6.22 -14.76
C1 STU C . -1.98 5.40 -15.88
C2 STU C . -1.10 4.33 -15.78
C3 STU C . -0.37 4.09 -14.62
C4 STU C . -0.50 4.88 -13.50
N3 STU C . -2.93 7.33 -14.50
O6 STU C . -6.22 8.22 -13.19
C27 STU C . -7.28 8.70 -12.36
N4 STU C . -7.59 7.60 -15.70
C28 STU C . -8.61 8.66 -15.68
#